data_5ML7
#
_entry.id   5ML7
#
_cell.length_a   136.836
_cell.length_b   136.836
_cell.length_c   70.110
_cell.angle_alpha   90.00
_cell.angle_beta   90.00
_cell.angle_gamma   90.00
#
_symmetry.space_group_name_H-M   'P 41 21 2'
#
loop_
_entity.id
_entity.type
_entity.pdbx_description
1 polymer '23S ribosomal RNA'
2 non-polymer 'CALCIUM ION'
3 non-polymer 'MAGNESIUM ION'
4 water water
#
_entity_poly.entity_id   1
_entity_poly.type   'polyribonucleotide'
_entity_poly.pdbx_seq_one_letter_code
;GGGUCGCCGAUGUGCAGCAUAGGUAGGAGACACUACACAGGUACCCGCGCUAGCGGGCCACCGAGUCAACAGUGAAAUAC
UACCCGUCGGUGACCC
;
_entity_poly.pdbx_strand_id   A,B
#